data_3I2T
#
_entry.id   3I2T
#
_cell.length_a   74.378
_cell.length_b   174.798
_cell.length_c   161.653
_cell.angle_alpha   90.000
_cell.angle_beta   90.000
_cell.angle_gamma   90.000
#
_symmetry.space_group_name_H-M   'C 2 2 21'
#
loop_
_entity.id
_entity.type
_entity.pdbx_description
1 polymer 'Epidermal growth factor receptor, isoform A'
2 branched 2-acetamido-2-deoxy-beta-D-glucopyranose-(1-4)-2-acetamido-2-deoxy-alpha-D-glucopyranose
3 branched 2-acetamido-2-deoxy-beta-D-glucopyranose-(1-4)-2-acetamido-2-deoxy-beta-D-glucopyranose
4 branched beta-D-mannopyranose-(1-4)-2-acetamido-2-deoxy-beta-D-glucopyranose-(1-4)-2-acetamido-2-deoxy-beta-D-glucopyranose
5 branched beta-D-mannopyranose-(1-4)-2-acetamido-2-deoxy-alpha-D-glucopyranose-(1-4)-2-acetamido-2-deoxy-alpha-D-glucopyranose
6 water water
#
_entity_poly.entity_id   1
_entity_poly.type   'polypeptide(L)'
_entity_poly.pdbx_seq_one_letter_code
;HHHHHHKICIGTKSRLSVPSNKEHHYRNLRDRYTNCTYVDGNLELTWLPNENLDLSFLDNIREVTGYILISHVDVKKVVF
PKLQIIRGRTLFSLSVEEEKYALFVTYSKMYTLEIPDLRDVLNGQVGFHNNYNLCHMRTIQWSEIVSNGTDAYYNYDFTA
PERECPKCHESCTHGCWGEGPKNCQKFSKLTCSPQCAGGRCYGPKPRECCHLFCAGGCTGPTQKDCIACKNFFDEGVCKE
ECPPMRKYNPTTYVLETNPEGKYAYGATCVKECPGHLLRDNGACVRSCPQDKMDKGGECVPCNGPCPKTCPGVTVLHAGN
IDSFRNCTVIDGNIRILDQTFSGFQDVYANYTMGPRYIPLDPERLEVFSTVKEITGYLNIEGTHPQFRNLSYFRNLETIH
GRQLMESMFAALAIVKSSLYSLEMRNLKQISSGSVVIQHNRDLCYVSNIRWPAIQKEPEQKVWVNENLRADLCEKNGTIC
SDQCNEDGCWGAGTDQCLNCKNFNFNGTCIADCGYISNAYKFDNRTCKICHPECRTCNGAGADHCQECVHV
;
_entity_poly.pdbx_strand_id   A
#
loop_
_chem_comp.id
_chem_comp.type
_chem_comp.name
_chem_comp.formula
BMA D-saccharide, beta linking beta-D-mannopyranose 'C6 H12 O6'
NAG D-saccharide, beta linking 2-acetamido-2-deoxy-beta-D-glucopyranose 'C8 H15 N O6'
NDG D-saccharide, alpha linking 2-acetamido-2-deoxy-alpha-D-glucopyranose 'C8 H15 N O6'
#
# COMPACT_ATOMS: atom_id res chain seq x y z
N HIS A 5 -12.32 13.98 12.81
CA HIS A 5 -11.22 14.06 11.82
C HIS A 5 -11.40 12.97 10.78
N HIS A 6 -10.61 13.01 9.73
CA HIS A 6 -10.72 12.06 8.64
C HIS A 6 -9.32 11.53 8.38
N LYS A 7 -9.17 10.20 8.35
CA LYS A 7 -7.88 9.59 8.01
C LYS A 7 -8.04 8.24 7.32
N ILE A 8 -7.25 8.08 6.26
CA ILE A 8 -7.35 6.98 5.33
C ILE A 8 -6.30 5.90 5.58
N CYS A 9 -6.76 4.64 5.61
CA CYS A 9 -5.95 3.44 5.75
C CYS A 9 -5.91 2.74 4.43
N ILE A 10 -4.81 2.10 4.06
CA ILE A 10 -4.92 1.08 3.03
C ILE A 10 -5.26 -0.27 3.66
N GLY A 11 -6.33 -0.92 3.20
CA GLY A 11 -6.71 -2.25 3.71
C GLY A 11 -5.77 -3.35 3.26
N THR A 12 -6.03 -4.59 3.65
CA THR A 12 -5.17 -5.69 3.17
C THR A 12 -5.95 -6.74 2.37
N LYS A 13 -5.24 -7.64 1.72
CA LYS A 13 -5.89 -8.70 0.95
C LYS A 13 -5.23 -10.08 1.18
N SER A 14 -4.70 -10.27 2.40
CA SER A 14 -3.96 -11.51 2.76
C SER A 14 -4.86 -12.70 2.98
N ARG A 15 -6.17 -12.44 2.96
CA ARG A 15 -7.19 -13.43 3.18
C ARG A 15 -6.80 -14.25 4.41
N LEU A 16 -6.61 -15.55 4.27
CA LEU A 16 -6.42 -16.46 5.42
C LEU A 16 -4.97 -16.79 5.78
N SER A 17 -4.02 -16.02 5.26
CA SER A 17 -2.61 -16.22 5.59
C SER A 17 -2.35 -16.29 7.09
N VAL A 18 -1.47 -17.20 7.49
CA VAL A 18 -1.08 -17.33 8.89
C VAL A 18 0.27 -16.64 9.09
N PRO A 19 0.29 -15.58 9.92
CA PRO A 19 1.55 -14.91 10.24
C PRO A 19 2.41 -15.80 11.13
N SER A 20 3.74 -15.81 10.93
CA SER A 20 4.63 -16.51 11.85
C SER A 20 4.60 -15.82 13.21
N ASN A 21 5.33 -14.72 13.39
CA ASN A 21 5.30 -14.04 14.68
C ASN A 21 3.99 -13.31 14.91
N LYS A 22 3.11 -13.91 15.71
CA LYS A 22 1.81 -13.32 16.05
C LYS A 22 1.96 -11.98 16.76
N GLU A 23 3.10 -11.74 17.38
CA GLU A 23 3.33 -10.44 18.04
C GLU A 23 3.60 -9.30 17.06
N HIS A 24 4.40 -9.54 16.01
CA HIS A 24 4.59 -8.54 14.96
C HIS A 24 3.30 -8.31 14.17
N HIS A 25 2.53 -9.38 13.95
CA HIS A 25 1.21 -9.25 13.36
C HIS A 25 0.39 -8.28 14.16
N TYR A 26 0.34 -8.44 15.47
CA TYR A 26 -0.36 -7.46 16.28
C TYR A 26 0.17 -6.07 16.00
N ARG A 27 1.50 -5.89 16.11
CA ARG A 27 2.09 -4.59 15.88
C ARG A 27 1.67 -4.01 14.50
N ASN A 28 1.72 -4.85 13.48
CA ASN A 28 1.32 -4.46 12.14
C ASN A 28 -0.09 -3.97 12.09
N LEU A 29 -1.03 -4.76 12.61
CA LEU A 29 -2.41 -4.34 12.62
C LEU A 29 -2.51 -2.99 13.30
N ARG A 30 -1.86 -2.83 14.43
CA ARG A 30 -1.97 -1.62 15.22
C ARG A 30 -1.47 -0.41 14.44
N ASP A 31 -0.29 -0.56 13.84
CA ASP A 31 0.34 0.54 13.11
C ASP A 31 -0.46 0.93 11.89
N ARG A 32 -1.22 -0.03 11.37
CA ARG A 32 -2.02 0.18 10.20
C ARG A 32 -3.31 0.94 10.47
N TYR A 33 -4.04 0.57 11.52
CA TYR A 33 -5.37 1.10 11.72
C TYR A 33 -5.51 2.24 12.73
N THR A 34 -4.50 2.47 13.55
CA THR A 34 -4.58 3.54 14.54
C THR A 34 -4.97 4.86 13.88
N ASN A 35 -6.01 5.46 14.42
CA ASN A 35 -6.55 6.78 14.02
C ASN A 35 -7.16 6.86 12.66
N CYS A 36 -7.39 5.71 12.06
CA CYS A 36 -7.90 5.68 10.73
C CYS A 36 -9.38 5.68 10.82
N THR A 37 -10.02 6.36 9.89
CA THR A 37 -11.48 6.52 9.91
C THR A 37 -12.07 5.77 8.75
N TYR A 38 -11.25 5.53 7.74
CA TYR A 38 -11.72 5.06 6.45
C TYR A 38 -10.75 4.05 5.87
N VAL A 39 -11.25 2.83 5.68
CA VAL A 39 -10.43 1.79 5.09
C VAL A 39 -10.60 1.71 3.57
N ASP A 40 -9.53 1.96 2.84
CA ASP A 40 -9.49 1.78 1.38
C ASP A 40 -9.06 0.34 1.12
N GLY A 41 -10.05 -0.52 1.01
CA GLY A 41 -9.81 -1.94 0.94
C GLY A 41 -10.53 -2.77 2.00
N ASN A 42 -9.95 -3.92 2.27
CA ASN A 42 -10.50 -4.82 3.26
C ASN A 42 -9.81 -4.69 4.62
N LEU A 43 -10.62 -4.60 5.66
CA LEU A 43 -10.15 -4.74 7.03
C LEU A 43 -10.07 -6.22 7.35
N GLU A 44 -8.84 -6.74 7.47
CA GLU A 44 -8.63 -8.16 7.81
C GLU A 44 -8.14 -8.30 9.25
N LEU A 45 -9.05 -8.60 10.16
CA LEU A 45 -8.72 -8.68 11.58
C LEU A 45 -8.46 -10.15 11.90
N THR A 46 -7.20 -10.56 11.90
CA THR A 46 -6.89 -11.99 12.01
C THR A 46 -5.78 -12.37 12.99
N TRP A 47 -5.87 -13.60 13.51
CA TRP A 47 -4.81 -14.21 14.32
C TRP A 47 -4.37 -13.38 15.52
N LEU A 48 -5.24 -13.28 16.51
CA LEU A 48 -4.95 -12.58 17.74
C LEU A 48 -5.27 -13.54 18.88
N PRO A 49 -4.35 -14.46 19.18
CA PRO A 49 -4.56 -15.52 20.19
C PRO A 49 -4.87 -15.04 21.61
N ASN A 50 -4.16 -14.02 22.11
CA ASN A 50 -4.41 -13.50 23.47
C ASN A 50 -5.83 -12.94 23.70
N GLU A 51 -6.39 -13.25 24.87
CA GLU A 51 -7.77 -12.92 25.15
C GLU A 51 -7.95 -11.46 25.56
N ASN A 52 -6.85 -10.86 26.02
CA ASN A 52 -6.90 -9.55 26.66
C ASN A 52 -6.14 -8.48 25.90
N LEU A 53 -5.87 -8.77 24.64
CA LEU A 53 -5.35 -7.76 23.75
C LEU A 53 -6.26 -6.55 23.67
N ASP A 54 -5.65 -5.37 23.73
CA ASP A 54 -6.36 -4.14 23.52
C ASP A 54 -6.42 -3.82 22.02
N LEU A 55 -7.63 -3.81 21.49
CA LEU A 55 -7.87 -3.52 20.07
C LEU A 55 -8.36 -2.09 19.78
N SER A 56 -7.93 -1.12 20.58
CA SER A 56 -8.44 0.23 20.43
C SER A 56 -7.99 0.92 19.13
N PHE A 57 -7.05 0.32 18.41
CA PHE A 57 -6.72 0.81 17.06
C PHE A 57 -7.92 0.73 16.10
N LEU A 58 -8.97 0.05 16.50
CA LEU A 58 -10.15 -0.06 15.68
C LEU A 58 -11.07 1.10 15.99
N ASP A 59 -10.80 1.82 17.07
CA ASP A 59 -11.71 2.83 17.60
C ASP A 59 -12.25 3.99 16.71
N ASN A 60 -11.56 4.33 15.63
CA ASN A 60 -12.02 5.43 14.78
C ASN A 60 -12.51 5.02 13.38
N ILE A 61 -12.41 3.74 13.07
CA ILE A 61 -12.86 3.23 11.81
C ILE A 61 -14.36 3.43 11.70
N ARG A 62 -14.73 4.20 10.68
CA ARG A 62 -16.09 4.69 10.48
C ARG A 62 -16.73 3.97 9.30
N GLU A 63 -15.95 3.78 8.23
CA GLU A 63 -16.39 3.14 7.01
C GLU A 63 -15.26 2.25 6.42
N VAL A 64 -15.66 1.09 5.88
CA VAL A 64 -14.76 0.21 5.17
C VAL A 64 -15.29 0.06 3.74
N THR A 65 -14.46 0.28 2.72
CA THR A 65 -14.92 0.15 1.34
C THR A 65 -15.06 -1.30 0.87
N GLY A 66 -14.20 -2.21 1.36
CA GLY A 66 -14.24 -3.63 0.96
C GLY A 66 -14.96 -4.50 1.98
N TYR A 67 -14.37 -5.64 2.34
CA TYR A 67 -14.98 -6.49 3.34
C TYR A 67 -14.24 -6.44 4.69
N ILE A 68 -14.94 -6.83 5.75
CA ILE A 68 -14.35 -7.10 7.05
C ILE A 68 -14.24 -8.63 7.26
N LEU A 69 -13.03 -9.10 7.53
CA LEU A 69 -12.79 -10.51 7.80
C LEU A 69 -12.18 -10.65 9.18
N ILE A 70 -12.92 -11.33 10.06
CA ILE A 70 -12.44 -11.63 11.39
C ILE A 70 -12.20 -13.13 11.51
N SER A 71 -10.92 -13.49 11.61
CA SER A 71 -10.50 -14.87 11.57
C SER A 71 -9.46 -15.13 12.64
N HIS A 72 -9.71 -16.15 13.46
CA HIS A 72 -8.78 -16.57 14.52
C HIS A 72 -8.54 -15.45 15.51
N VAL A 73 -9.65 -14.87 15.97
CA VAL A 73 -9.58 -13.78 16.93
C VAL A 73 -10.19 -14.25 18.23
N ASP A 74 -9.36 -14.34 19.27
CA ASP A 74 -9.82 -14.87 20.55
C ASP A 74 -9.75 -13.82 21.63
N VAL A 75 -9.78 -12.55 21.25
CA VAL A 75 -9.89 -11.52 22.27
C VAL A 75 -11.36 -11.55 22.74
N LYS A 76 -11.57 -11.54 24.04
CA LYS A 76 -12.90 -11.75 24.58
C LYS A 76 -13.93 -10.80 23.96
N LYS A 77 -13.59 -9.52 23.99
CA LYS A 77 -14.48 -8.45 23.62
C LYS A 77 -13.89 -7.79 22.38
N VAL A 78 -14.50 -8.00 21.22
CA VAL A 78 -14.02 -7.24 20.09
C VAL A 78 -15.04 -6.20 19.63
N VAL A 79 -14.73 -4.92 19.89
CA VAL A 79 -15.66 -3.86 19.56
C VAL A 79 -15.13 -2.94 18.47
N PHE A 80 -16.01 -2.67 17.49
CA PHE A 80 -15.86 -1.60 16.47
C PHE A 80 -16.83 -0.45 16.87
N PRO A 81 -16.41 0.43 17.77
CA PRO A 81 -17.38 1.36 18.36
C PRO A 81 -17.94 2.47 17.46
N LYS A 82 -17.30 2.72 16.31
CA LYS A 82 -17.71 3.80 15.40
C LYS A 82 -17.94 3.33 13.96
N LEU A 83 -17.77 2.03 13.68
CA LEU A 83 -18.00 1.53 12.33
C LEU A 83 -19.46 1.72 11.93
N GLN A 84 -19.65 2.31 10.76
CA GLN A 84 -21.00 2.64 10.30
C GLN A 84 -21.37 1.93 9.02
N ILE A 85 -20.39 1.74 8.14
CA ILE A 85 -20.67 1.32 6.78
C ILE A 85 -19.61 0.34 6.29
N ILE A 86 -20.09 -0.83 5.86
CA ILE A 86 -19.28 -1.74 5.10
C ILE A 86 -19.86 -1.70 3.70
N ARG A 87 -19.09 -1.22 2.75
CA ARG A 87 -19.58 -1.04 1.38
C ARG A 87 -19.61 -2.32 0.59
N GLY A 88 -18.66 -3.21 0.89
CA GLY A 88 -18.55 -4.47 0.17
C GLY A 88 -18.32 -4.31 -1.32
N ARG A 89 -17.41 -3.41 -1.69
CA ARG A 89 -17.03 -3.26 -3.08
C ARG A 89 -16.23 -4.48 -3.52
N THR A 90 -15.55 -5.10 -2.58
CA THR A 90 -14.89 -6.36 -2.81
C THR A 90 -15.33 -7.29 -1.68
N LEU A 91 -15.57 -8.56 -1.99
CA LEU A 91 -16.13 -9.51 -1.01
C LEU A 91 -15.27 -10.74 -0.72
N PHE A 92 -15.61 -11.43 0.36
CA PHE A 92 -14.85 -12.61 0.81
C PHE A 92 -15.63 -13.94 0.69
N SER A 93 -14.96 -15.01 0.30
CA SER A 93 -15.54 -16.35 0.34
C SER A 93 -14.45 -17.32 0.67
N LEU A 94 -14.82 -18.44 1.30
CA LEU A 94 -13.87 -19.54 1.48
C LEU A 94 -13.60 -20.22 0.15
N SER A 95 -14.61 -20.32 -0.71
CA SER A 95 -14.45 -20.93 -2.03
C SER A 95 -15.42 -20.37 -3.07
N VAL A 96 -15.27 -20.80 -4.32
CA VAL A 96 -16.11 -20.33 -5.41
C VAL A 96 -17.61 -20.51 -5.13
N GLU A 97 -17.96 -21.68 -4.61
CA GLU A 97 -19.35 -22.06 -4.34
C GLU A 97 -20.00 -21.33 -3.14
N GLU A 98 -19.19 -20.84 -2.22
CA GLU A 98 -19.75 -20.12 -1.10
C GLU A 98 -20.29 -18.74 -1.49
N GLU A 99 -21.22 -18.24 -0.66
CA GLU A 99 -21.71 -16.86 -0.71
C GLU A 99 -20.57 -15.86 -0.65
N LYS A 100 -20.80 -14.67 -1.21
CA LYS A 100 -19.82 -13.58 -1.15
C LYS A 100 -20.10 -12.65 0.05
N TYR A 101 -19.12 -12.48 0.91
CA TYR A 101 -19.36 -11.88 2.22
C TYR A 101 -18.70 -10.55 2.39
N ALA A 102 -19.46 -9.61 2.97
CA ALA A 102 -18.92 -8.30 3.34
C ALA A 102 -18.48 -8.31 4.79
N LEU A 103 -19.15 -9.11 5.61
CA LEU A 103 -18.72 -9.35 6.98
C LEU A 103 -18.61 -10.86 7.19
N PHE A 104 -17.42 -11.34 7.49
CA PHE A 104 -17.20 -12.76 7.74
C PHE A 104 -16.40 -12.96 8.98
N VAL A 105 -17.00 -13.66 9.94
CA VAL A 105 -16.39 -13.96 11.22
C VAL A 105 -16.29 -15.47 11.34
N THR A 106 -15.08 -15.95 11.55
CA THR A 106 -14.78 -17.35 11.35
C THR A 106 -13.67 -17.84 12.30
N TYR A 107 -13.84 -19.04 12.83
CA TYR A 107 -12.83 -19.65 13.70
C TYR A 107 -12.27 -18.69 14.78
N SER A 108 -13.17 -17.98 15.45
CA SER A 108 -12.76 -17.01 16.46
C SER A 108 -13.41 -17.30 17.80
N LYS A 109 -12.72 -16.98 18.88
CA LYS A 109 -13.19 -17.36 20.20
C LYS A 109 -13.77 -16.22 21.00
N MET A 110 -13.96 -15.08 20.36
CA MET A 110 -14.51 -13.93 21.06
C MET A 110 -15.83 -14.29 21.74
N TYR A 111 -16.09 -13.68 22.88
CA TYR A 111 -17.39 -13.81 23.53
C TYR A 111 -18.41 -12.83 22.92
N THR A 112 -17.96 -11.63 22.56
CA THR A 112 -18.83 -10.68 21.86
C THR A 112 -18.08 -9.99 20.71
N LEU A 113 -18.86 -9.45 19.78
CA LEU A 113 -18.39 -8.71 18.61
C LEU A 113 -19.35 -7.55 18.60
N GLU A 114 -18.88 -6.37 18.98
CA GLU A 114 -19.80 -5.27 19.17
C GLU A 114 -19.59 -4.19 18.12
N ILE A 115 -20.64 -3.92 17.35
CA ILE A 115 -20.65 -2.90 16.29
C ILE A 115 -21.92 -2.05 16.48
N PRO A 116 -22.03 -1.36 17.64
CA PRO A 116 -23.31 -0.77 18.03
C PRO A 116 -23.78 0.32 17.08
N ASP A 117 -22.85 0.88 16.32
CA ASP A 117 -23.14 2.01 15.47
C ASP A 117 -23.30 1.60 13.99
N LEU A 118 -23.21 0.29 13.71
CA LEU A 118 -23.33 -0.24 12.35
C LEU A 118 -24.71 0.02 11.80
N ARG A 119 -24.73 0.49 10.56
CA ARG A 119 -25.95 0.96 9.93
C ARG A 119 -26.28 0.10 8.73
N ASP A 120 -25.30 -0.05 7.86
CA ASP A 120 -25.57 -0.56 6.54
C ASP A 120 -24.39 -1.33 5.98
N VAL A 121 -24.70 -2.50 5.42
CA VAL A 121 -23.77 -3.25 4.59
C VAL A 121 -24.34 -3.08 3.20
N LEU A 122 -23.59 -2.38 2.34
CA LEU A 122 -24.13 -1.96 1.05
C LEU A 122 -24.26 -3.09 0.06
N ASN A 123 -23.41 -4.10 0.22
CA ASN A 123 -23.27 -5.15 -0.77
C ASN A 123 -22.66 -6.37 -0.11
N GLY A 124 -23.10 -7.56 -0.52
CA GLY A 124 -22.62 -8.81 0.06
C GLY A 124 -23.35 -9.24 1.32
N GLN A 125 -22.91 -10.36 1.87
CA GLN A 125 -23.60 -11.02 2.99
C GLN A 125 -22.84 -10.96 4.29
N VAL A 126 -23.51 -11.37 5.37
CA VAL A 126 -22.92 -11.47 6.70
C VAL A 126 -22.89 -12.96 7.15
N GLY A 127 -21.70 -13.44 7.51
CA GLY A 127 -21.53 -14.86 7.82
C GLY A 127 -20.86 -15.12 9.14
N PHE A 128 -21.31 -16.15 9.84
CA PHE A 128 -20.68 -16.59 11.06
C PHE A 128 -20.35 -18.08 10.96
N HIS A 129 -19.08 -18.41 11.11
CA HIS A 129 -18.65 -19.76 10.83
C HIS A 129 -17.70 -20.34 11.89
N ASN A 130 -18.24 -21.23 12.70
CA ASN A 130 -17.48 -21.89 13.75
C ASN A 130 -16.82 -20.92 14.75
N ASN A 131 -17.64 -20.08 15.40
CA ASN A 131 -17.17 -19.27 16.51
C ASN A 131 -17.82 -19.79 17.79
N TYR A 132 -17.04 -20.49 18.60
CA TYR A 132 -17.58 -21.24 19.74
C TYR A 132 -18.29 -20.43 20.81
N ASN A 133 -17.85 -19.20 21.07
CA ASN A 133 -18.39 -18.41 22.18
C ASN A 133 -19.24 -17.23 21.78
N LEU A 134 -19.20 -16.89 20.50
CA LEU A 134 -19.85 -15.67 20.05
C LEU A 134 -21.33 -15.66 20.38
N CYS A 135 -21.74 -14.57 21.03
CA CYS A 135 -23.11 -14.38 21.47
C CYS A 135 -23.85 -13.24 20.79
N HIS A 136 -25.17 -13.28 20.91
CA HIS A 136 -26.10 -12.21 20.47
C HIS A 136 -26.38 -12.06 18.98
N MET A 137 -25.54 -12.63 18.12
CA MET A 137 -25.69 -12.44 16.69
C MET A 137 -27.08 -12.86 16.16
N ARG A 138 -27.75 -13.80 16.81
CA ARG A 138 -29.04 -14.25 16.34
C ARG A 138 -30.13 -13.31 16.84
N THR A 139 -29.79 -12.40 17.74
CA THR A 139 -30.78 -11.43 18.22
C THR A 139 -30.80 -10.21 17.28
N ILE A 140 -29.69 -10.00 16.60
CA ILE A 140 -29.58 -8.93 15.60
C ILE A 140 -30.50 -9.22 14.42
N GLN A 141 -31.40 -8.29 14.12
CA GLN A 141 -32.23 -8.39 12.92
C GLN A 141 -31.43 -7.88 11.75
N TRP A 142 -30.88 -8.80 10.96
CA TRP A 142 -29.92 -8.47 9.92
C TRP A 142 -30.50 -7.78 8.69
N SER A 143 -31.72 -8.12 8.29
CA SER A 143 -32.31 -7.41 7.15
C SER A 143 -32.38 -5.90 7.41
N GLU A 144 -32.20 -5.49 8.67
CA GLU A 144 -32.08 -4.06 9.01
C GLU A 144 -30.79 -3.46 8.43
N ILE A 145 -29.75 -4.27 8.33
CA ILE A 145 -28.44 -3.80 7.94
C ILE A 145 -28.08 -4.22 6.53
N VAL A 146 -28.38 -5.47 6.17
CA VAL A 146 -27.89 -6.02 4.90
C VAL A 146 -28.79 -5.55 3.78
N SER A 147 -28.23 -4.83 2.82
CA SER A 147 -29.04 -4.23 1.75
C SER A 147 -29.58 -5.23 0.76
N ASN A 148 -28.73 -6.17 0.32
CA ASN A 148 -29.15 -7.24 -0.57
C ASN A 148 -29.06 -8.61 0.12
N GLY A 149 -29.82 -8.79 1.20
CA GLY A 149 -29.86 -10.08 1.92
C GLY A 149 -31.01 -10.19 2.90
N THR A 150 -31.35 -11.44 3.25
CA THR A 150 -32.43 -11.73 4.20
C THR A 150 -31.90 -11.66 5.63
N ASP A 151 -30.86 -12.45 5.89
CA ASP A 151 -30.45 -12.81 7.23
C ASP A 151 -28.96 -13.10 7.15
N ALA A 152 -28.29 -13.23 8.29
CA ALA A 152 -26.90 -13.71 8.32
C ALA A 152 -26.80 -15.22 7.99
N TYR A 153 -25.61 -15.68 7.61
CA TYR A 153 -25.33 -17.11 7.41
C TYR A 153 -24.55 -17.74 8.55
N TYR A 154 -25.12 -18.77 9.15
CA TYR A 154 -24.49 -19.44 10.29
C TYR A 154 -23.99 -20.82 9.93
N ASN A 155 -22.93 -21.24 10.62
CA ASN A 155 -22.39 -22.59 10.51
C ASN A 155 -21.62 -22.98 11.77
N TYR A 156 -22.05 -24.07 12.39
CA TYR A 156 -21.42 -24.60 13.59
C TYR A 156 -21.29 -26.12 13.53
N ASP A 157 -20.08 -26.64 13.72
CA ASP A 157 -19.82 -28.09 13.79
C ASP A 157 -18.70 -28.45 14.78
N PHE A 158 -17.99 -29.55 14.52
CA PHE A 158 -16.80 -29.96 15.30
C PHE A 158 -17.06 -30.14 16.82
N THR A 159 -18.30 -30.57 17.14
CA THR A 159 -18.90 -30.62 18.50
C THR A 159 -20.09 -29.63 18.57
N GLU A 162 -20.58 -24.10 23.02
CA GLU A 162 -21.91 -23.47 23.13
C GLU A 162 -22.23 -23.12 24.58
N ARG A 163 -21.86 -21.91 24.99
CA ARG A 163 -22.20 -21.40 26.32
C ARG A 163 -23.63 -20.87 26.29
N GLU A 164 -24.30 -20.92 27.45
CA GLU A 164 -25.55 -20.19 27.60
C GLU A 164 -25.20 -18.69 27.53
N CYS A 165 -26.16 -17.87 27.19
CA CYS A 165 -25.82 -16.56 26.72
C CYS A 165 -26.68 -15.47 27.36
N PRO A 166 -26.13 -14.26 27.64
CA PRO A 166 -26.90 -13.31 28.44
C PRO A 166 -28.01 -12.64 27.66
N LYS A 167 -29.04 -12.18 28.38
CA LYS A 167 -30.15 -11.45 27.78
C LYS A 167 -29.63 -10.07 27.42
N CYS A 168 -30.28 -9.41 26.47
CA CYS A 168 -29.96 -8.03 26.18
C CYS A 168 -30.30 -7.15 27.37
N HIS A 169 -29.78 -5.92 27.34
CA HIS A 169 -30.05 -4.96 28.39
C HIS A 169 -31.56 -4.76 28.53
N GLU A 170 -32.01 -4.49 29.76
CA GLU A 170 -33.40 -4.16 30.05
C GLU A 170 -34.06 -3.32 28.94
N SER A 171 -33.38 -2.23 28.55
CA SER A 171 -33.98 -1.15 27.76
C SER A 171 -34.13 -1.39 26.24
N CYS A 172 -33.54 -2.44 25.71
CA CYS A 172 -33.60 -2.70 24.27
C CYS A 172 -34.98 -3.03 23.79
N THR A 173 -35.39 -2.43 22.69
CA THR A 173 -36.66 -2.81 22.10
C THR A 173 -36.57 -4.18 21.42
N HIS A 174 -35.37 -4.53 20.95
CA HIS A 174 -35.15 -5.78 20.22
C HIS A 174 -33.81 -6.44 20.55
N GLY A 175 -33.03 -6.83 19.53
CA GLY A 175 -31.74 -7.44 19.75
C GLY A 175 -30.60 -6.47 20.07
N CYS A 176 -29.45 -7.01 20.43
CA CYS A 176 -28.28 -6.22 20.79
C CYS A 176 -26.97 -6.87 20.26
N TRP A 177 -25.84 -6.19 20.43
CA TRP A 177 -24.54 -6.76 20.08
C TRP A 177 -23.83 -7.25 21.33
N GLY A 178 -24.37 -6.89 22.49
CA GLY A 178 -23.80 -7.23 23.79
C GLY A 178 -24.54 -6.53 24.93
N GLU A 179 -24.04 -6.68 26.15
CA GLU A 179 -24.63 -6.06 27.33
C GLU A 179 -24.63 -4.53 27.34
N GLY A 180 -25.43 -3.96 28.24
CA GLY A 180 -25.52 -2.51 28.43
C GLY A 180 -26.39 -1.85 27.39
N PRO A 181 -26.98 -0.68 27.72
CA PRO A 181 -27.84 0.02 26.75
C PRO A 181 -27.14 0.51 25.48
N LYS A 182 -25.81 0.66 25.48
CA LYS A 182 -25.10 1.14 24.27
C LYS A 182 -25.16 0.14 23.11
N ASN A 183 -25.29 -1.13 23.46
CA ASN A 183 -25.32 -2.21 22.48
C ASN A 183 -26.66 -2.62 21.86
N CYS A 184 -27.78 -1.96 22.19
CA CYS A 184 -29.07 -2.24 21.52
C CYS A 184 -29.10 -1.89 20.03
N GLN A 185 -29.50 -2.84 19.19
CA GLN A 185 -29.61 -2.60 17.77
C GLN A 185 -30.53 -1.40 17.53
N LYS A 186 -30.07 -0.44 16.74
CA LYS A 186 -30.97 0.64 16.30
C LYS A 186 -31.52 0.37 14.89
N PHE A 187 -32.59 1.06 14.51
CA PHE A 187 -33.27 0.78 13.24
C PHE A 187 -33.49 2.08 12.51
N SER A 188 -33.21 2.08 11.22
CA SER A 188 -33.42 3.26 10.39
C SER A 188 -33.92 2.89 9.00
N LYS A 189 -34.32 1.63 8.83
CA LYS A 189 -34.82 1.12 7.55
C LYS A 189 -36.14 0.35 7.70
N LEU A 190 -36.25 -0.44 8.78
CA LEU A 190 -37.43 -1.28 9.00
C LEU A 190 -38.58 -0.55 9.69
N THR A 191 -38.22 0.43 10.52
CA THR A 191 -39.21 1.23 11.24
C THR A 191 -39.81 2.36 10.40
N CYS A 192 -39.20 2.64 9.25
CA CYS A 192 -39.69 3.62 8.29
C CYS A 192 -41.03 3.16 7.69
N SER A 193 -41.87 4.08 7.24
CA SER A 193 -43.09 3.70 6.52
C SER A 193 -42.74 3.46 5.05
N PRO A 194 -43.71 3.04 4.21
CA PRO A 194 -43.42 3.14 2.78
C PRO A 194 -43.58 4.60 2.31
N GLN A 195 -43.84 4.81 1.03
CA GLN A 195 -43.57 6.10 0.37
C GLN A 195 -42.04 6.21 0.34
N CYS A 196 -41.41 5.50 1.29
CA CYS A 196 -39.96 5.32 1.40
C CYS A 196 -39.46 4.18 0.52
N ALA A 197 -40.40 3.41 -0.04
CA ALA A 197 -40.11 2.28 -0.93
C ALA A 197 -38.97 1.39 -0.44
N GLY A 198 -38.84 1.25 0.88
CA GLY A 198 -37.87 0.35 1.47
C GLY A 198 -36.57 0.99 1.89
N GLY A 199 -36.33 2.23 1.46
CA GLY A 199 -35.10 2.95 1.81
C GLY A 199 -35.04 3.39 3.26
N ARG A 200 -33.95 4.07 3.62
CA ARG A 200 -33.77 4.53 5.00
C ARG A 200 -34.43 5.89 5.27
N CYS A 201 -34.44 6.28 6.55
CA CYS A 201 -35.14 7.47 7.00
C CYS A 201 -34.70 7.89 8.40
N TYR A 202 -34.96 9.13 8.76
CA TYR A 202 -34.60 9.61 10.10
C TYR A 202 -35.79 9.64 11.07
N GLY A 203 -36.98 9.29 10.56
CA GLY A 203 -38.17 9.16 11.40
C GLY A 203 -39.25 8.29 10.79
N PRO A 204 -40.35 8.05 11.56
CA PRO A 204 -41.39 7.08 11.18
C PRO A 204 -42.30 7.53 10.04
N LYS A 205 -42.79 8.77 10.12
CA LYS A 205 -43.82 9.32 9.20
C LYS A 205 -43.37 9.31 7.72
N PRO A 206 -44.28 9.59 6.76
CA PRO A 206 -43.82 9.67 5.37
C PRO A 206 -42.84 10.83 5.16
N ARG A 207 -42.85 11.48 3.99
CA ARG A 207 -42.09 12.72 3.73
C ARG A 207 -40.60 12.73 4.15
N GLU A 208 -40.28 12.15 5.32
CA GLU A 208 -38.95 12.23 5.94
C GLU A 208 -37.99 11.05 5.63
N CYS A 209 -37.94 10.68 4.36
CA CYS A 209 -37.26 9.47 3.87
C CYS A 209 -35.82 9.67 3.39
N CYS A 210 -35.05 10.48 4.12
CA CYS A 210 -33.66 10.74 3.72
C CYS A 210 -33.65 11.38 2.35
N HIS A 211 -32.50 11.37 1.68
CA HIS A 211 -32.49 11.62 0.25
C HIS A 211 -32.72 10.27 -0.43
N LEU A 212 -32.15 10.11 -1.61
CA LEU A 212 -32.16 8.86 -2.37
C LEU A 212 -30.70 8.47 -2.54
N PHE A 213 -29.88 9.52 -2.69
CA PHE A 213 -28.43 9.43 -2.77
C PHE A 213 -27.77 8.95 -1.47
N CYS A 214 -28.49 9.11 -0.36
CA CYS A 214 -27.98 8.72 0.96
C CYS A 214 -27.62 7.24 1.10
N ALA A 215 -26.58 6.96 1.89
CA ALA A 215 -26.09 5.61 2.14
C ALA A 215 -25.87 5.49 3.62
N GLY A 216 -26.50 4.48 4.23
CA GLY A 216 -26.41 4.28 5.66
C GLY A 216 -27.42 5.07 6.46
N GLY A 217 -28.20 5.90 5.78
CA GLY A 217 -29.20 6.73 6.44
C GLY A 217 -28.77 8.17 6.55
N CYS A 218 -29.47 8.94 7.37
CA CYS A 218 -29.34 10.40 7.33
C CYS A 218 -29.80 11.09 8.61
N THR A 219 -29.24 12.28 8.81
CA THR A 219 -29.42 13.05 10.03
C THR A 219 -30.58 14.01 9.93
N GLY A 220 -31.03 14.28 8.71
CA GLY A 220 -32.16 15.15 8.48
C GLY A 220 -32.72 14.96 7.09
N PRO A 221 -33.56 15.93 6.65
CA PRO A 221 -34.31 15.92 5.39
C PRO A 221 -33.63 15.33 4.16
N THR A 222 -32.48 15.86 3.72
CA THR A 222 -32.00 15.53 2.36
C THR A 222 -30.55 15.98 2.01
N GLN A 223 -29.92 15.25 1.06
CA GLN A 223 -28.59 15.54 0.40
C GLN A 223 -27.38 15.98 1.25
N LYS A 224 -27.44 17.18 1.82
CA LYS A 224 -26.39 17.65 2.74
C LYS A 224 -26.46 16.97 4.11
N ASP A 225 -27.41 16.04 4.27
CA ASP A 225 -27.71 15.47 5.61
C ASP A 225 -27.45 13.96 5.73
N CYS A 226 -26.77 13.39 4.72
CA CYS A 226 -26.45 11.97 4.66
C CYS A 226 -25.39 11.54 5.67
N ILE A 227 -25.54 10.31 6.20
CA ILE A 227 -24.46 9.65 6.95
C ILE A 227 -23.27 9.33 6.01
N ALA A 228 -23.58 8.75 4.83
CA ALA A 228 -22.62 8.54 3.74
C ALA A 228 -23.35 8.55 2.39
N CYS A 229 -22.67 8.25 1.29
CA CYS A 229 -23.24 8.45 -0.04
C CYS A 229 -23.24 7.23 -0.93
N LYS A 230 -24.33 7.03 -1.66
CA LYS A 230 -24.39 6.00 -2.70
C LYS A 230 -23.59 6.39 -3.94
N ASN A 231 -23.47 7.68 -4.19
CA ASN A 231 -22.62 8.20 -5.28
C ASN A 231 -21.38 8.91 -4.72
N PHE A 232 -20.98 10.03 -5.27
CA PHE A 232 -19.79 10.74 -4.77
C PHE A 232 -20.07 11.56 -3.54
N PHE A 233 -19.08 11.65 -2.67
CA PHE A 233 -19.22 12.36 -1.41
C PHE A 233 -18.30 13.56 -1.42
N ASP A 234 -18.84 14.74 -1.15
CA ASP A 234 -18.08 16.00 -1.28
C ASP A 234 -18.15 16.96 -0.09
N GLU A 235 -17.05 17.07 0.65
CA GLU A 235 -17.01 17.75 1.96
C GLU A 235 -18.35 17.68 2.73
N GLY A 236 -19.10 16.60 2.54
CA GLY A 236 -20.33 16.42 3.30
C GLY A 236 -21.64 16.25 2.53
N VAL A 237 -21.63 16.55 1.23
CA VAL A 237 -22.87 16.45 0.45
C VAL A 237 -22.74 15.39 -0.66
N CYS A 238 -23.83 14.67 -0.95
CA CYS A 238 -23.76 13.64 -1.98
C CYS A 238 -24.05 14.24 -3.32
N LYS A 239 -23.20 13.95 -4.30
CA LYS A 239 -23.37 14.46 -5.64
C LYS A 239 -23.33 13.31 -6.62
N GLU A 240 -23.96 13.50 -7.78
CA GLU A 240 -24.00 12.53 -8.84
C GLU A 240 -22.63 12.47 -9.53
N GLU A 241 -21.84 13.52 -9.35
CA GLU A 241 -20.49 13.63 -9.92
C GLU A 241 -19.66 14.69 -9.18
N CYS A 242 -18.33 14.57 -9.25
CA CYS A 242 -17.48 15.62 -8.69
C CYS A 242 -17.43 16.83 -9.62
N PRO A 243 -17.41 18.02 -9.02
CA PRO A 243 -17.21 19.27 -9.77
C PRO A 243 -16.01 19.14 -10.71
N PRO A 244 -16.21 19.15 -12.05
CA PRO A 244 -15.09 18.84 -12.95
C PRO A 244 -13.99 19.86 -12.81
N MET A 245 -12.79 19.49 -13.23
CA MET A 245 -11.62 20.34 -13.05
C MET A 245 -11.62 21.51 -14.01
N ARG A 246 -12.30 21.34 -15.14
CA ARG A 246 -12.52 22.43 -16.11
C ARG A 246 -13.94 22.37 -16.61
N LYS A 247 -14.54 23.54 -16.84
CA LYS A 247 -15.87 23.63 -17.40
C LYS A 247 -15.78 24.03 -18.87
N TYR A 248 -16.60 23.41 -19.68
CA TYR A 248 -16.64 23.70 -21.08
C TYR A 248 -17.64 24.80 -21.37
N ASN A 249 -17.13 25.91 -21.89
CA ASN A 249 -17.92 27.01 -22.34
C ASN A 249 -18.35 26.80 -23.80
N PRO A 250 -19.63 26.41 -24.00
CA PRO A 250 -20.08 25.99 -25.33
C PRO A 250 -20.15 27.12 -26.39
N THR A 251 -19.95 28.37 -25.95
CA THR A 251 -20.04 29.53 -26.85
C THR A 251 -18.67 29.84 -27.43
N THR A 252 -17.70 29.77 -26.56
CA THR A 252 -16.37 30.26 -26.76
C THR A 252 -15.46 29.12 -27.23
N TYR A 253 -15.96 27.89 -27.05
CA TYR A 253 -15.22 26.65 -27.24
C TYR A 253 -13.94 26.63 -26.42
N VAL A 254 -14.09 26.86 -25.12
CA VAL A 254 -12.99 26.81 -24.17
C VAL A 254 -13.34 25.95 -22.98
N LEU A 255 -12.38 25.12 -22.55
CA LEU A 255 -12.43 24.46 -21.24
C LEU A 255 -11.86 25.38 -20.17
N GLU A 256 -12.71 26.16 -19.50
CA GLU A 256 -12.28 27.07 -18.42
C GLU A 256 -11.96 26.27 -17.17
N THR A 257 -10.85 26.56 -16.49
CA THR A 257 -10.52 25.77 -15.29
C THR A 257 -11.46 26.15 -14.14
N ASN A 258 -11.78 25.18 -13.29
CA ASN A 258 -12.80 25.38 -12.26
C ASN A 258 -12.15 25.46 -10.90
N PRO A 259 -12.32 26.60 -10.19
CA PRO A 259 -11.59 26.74 -8.92
C PRO A 259 -12.18 25.84 -7.82
N GLU A 260 -13.41 25.39 -8.02
CA GLU A 260 -14.06 24.47 -7.09
C GLU A 260 -14.09 23.05 -7.63
N GLY A 261 -13.29 22.77 -8.66
CA GLY A 261 -13.17 21.43 -9.20
C GLY A 261 -12.41 20.53 -8.24
N LYS A 262 -12.62 19.23 -8.39
CA LYS A 262 -12.02 18.26 -7.48
C LYS A 262 -11.80 16.95 -8.19
N TYR A 263 -10.95 16.10 -7.62
CA TYR A 263 -10.69 14.80 -8.22
C TYR A 263 -11.54 13.73 -7.59
N ALA A 264 -11.97 12.80 -8.43
CA ALA A 264 -12.65 11.60 -7.97
C ALA A 264 -11.62 10.56 -7.48
N TYR A 265 -11.71 10.24 -6.19
CA TYR A 265 -10.93 9.18 -5.54
C TYR A 265 -11.96 8.22 -4.97
N GLY A 266 -12.23 7.13 -5.69
CA GLY A 266 -13.31 6.25 -5.28
C GLY A 266 -14.61 7.02 -5.37
N ALA A 267 -15.54 6.76 -4.44
CA ALA A 267 -16.77 7.53 -4.32
C ALA A 267 -16.51 8.79 -3.50
N THR A 268 -15.33 9.39 -3.69
CA THR A 268 -14.91 10.55 -2.91
C THR A 268 -14.45 11.66 -3.85
N CYS A 269 -14.75 12.90 -3.48
CA CYS A 269 -14.26 14.06 -4.22
C CYS A 269 -13.26 14.72 -3.34
N VAL A 270 -12.15 15.08 -3.94
CA VAL A 270 -10.95 15.39 -3.22
C VAL A 270 -10.17 16.48 -3.94
N LYS A 271 -9.54 17.38 -3.18
CA LYS A 271 -8.73 18.45 -3.77
C LYS A 271 -7.45 17.91 -4.41
N GLU A 272 -6.88 16.83 -3.87
CA GLU A 272 -5.70 16.20 -4.47
C GLU A 272 -5.69 14.69 -4.31
N CYS A 273 -5.21 13.96 -5.31
CA CYS A 273 -5.21 12.51 -5.19
C CYS A 273 -4.28 12.08 -4.09
N PRO A 274 -4.71 11.11 -3.27
CA PRO A 274 -3.77 10.57 -2.33
C PRO A 274 -2.55 10.04 -3.07
N GLY A 275 -1.40 10.12 -2.42
CA GLY A 275 -0.10 9.74 -2.99
C GLY A 275 0.03 8.34 -3.56
N HIS A 276 -0.81 7.41 -3.10
CA HIS A 276 -0.78 6.05 -3.65
C HIS A 276 -1.50 5.89 -5.00
N LEU A 277 -2.11 6.97 -5.48
CA LEU A 277 -2.75 6.99 -6.79
C LEU A 277 -2.21 8.12 -7.63
N LEU A 278 -2.42 8.01 -8.94
CA LEU A 278 -2.01 9.04 -9.88
C LEU A 278 -3.23 9.79 -10.42
N ARG A 279 -2.96 10.93 -11.06
CA ARG A 279 -3.97 11.83 -11.61
C ARG A 279 -4.12 11.54 -13.10
N ASP A 280 -5.32 11.15 -13.47
CA ASP A 280 -5.64 10.90 -14.86
C ASP A 280 -6.97 11.62 -15.09
N ASN A 281 -6.94 12.68 -15.89
CA ASN A 281 -8.13 13.49 -16.15
C ASN A 281 -8.66 13.99 -14.82
N GLY A 282 -9.92 13.71 -14.52
CA GLY A 282 -10.45 14.14 -13.23
C GLY A 282 -10.44 13.05 -12.17
N ALA A 283 -9.73 11.97 -12.45
CA ALA A 283 -9.82 10.79 -11.60
C ALA A 283 -8.49 10.41 -10.97
N CYS A 284 -8.55 9.83 -9.77
CA CYS A 284 -7.41 9.20 -9.13
C CYS A 284 -7.39 7.74 -9.53
N VAL A 285 -6.29 7.32 -10.14
CA VAL A 285 -6.17 5.98 -10.71
C VAL A 285 -4.95 5.21 -10.22
N ARG A 286 -5.02 3.89 -10.38
CA ARG A 286 -4.01 3.01 -9.89
C ARG A 286 -2.84 2.92 -10.87
N SER A 287 -3.14 2.84 -12.15
CA SER A 287 -2.09 2.83 -13.19
C SER A 287 -2.45 3.75 -14.30
N CYS A 288 -1.47 4.17 -15.08
CA CYS A 288 -1.76 4.89 -16.32
C CYS A 288 -2.24 3.92 -17.37
N PRO A 289 -3.14 4.37 -18.27
CA PRO A 289 -3.48 3.51 -19.40
C PRO A 289 -2.31 3.28 -20.35
N GLN A 290 -2.44 2.24 -21.18
CA GLN A 290 -1.43 1.80 -22.15
C GLN A 290 -0.69 2.90 -22.89
N ASP A 291 -1.42 3.94 -23.31
CA ASP A 291 -0.85 5.02 -24.13
C ASP A 291 -0.27 6.21 -23.32
N LYS A 292 -0.48 6.20 -22.00
CA LYS A 292 0.00 7.27 -21.12
C LYS A 292 1.24 6.87 -20.34
N MET A 293 1.81 7.82 -19.62
CA MET A 293 2.91 7.56 -18.69
C MET A 293 2.82 8.50 -17.49
N ASP A 294 3.63 8.24 -16.46
CA ASP A 294 3.58 9.04 -15.25
C ASP A 294 4.51 10.22 -15.36
N LYS A 295 3.95 11.41 -15.21
CA LYS A 295 4.77 12.61 -15.12
C LYS A 295 5.02 13.03 -13.67
N GLY A 296 4.37 14.10 -13.24
CA GLY A 296 4.62 14.57 -11.88
C GLY A 296 3.55 14.00 -10.99
N GLY A 297 3.28 12.71 -11.15
CA GLY A 297 2.11 12.08 -10.52
C GLY A 297 0.88 12.25 -11.39
N GLU A 298 1.11 12.51 -12.67
CA GLU A 298 0.01 12.69 -13.59
C GLU A 298 0.19 11.86 -14.84
N CYS A 299 -0.90 11.23 -15.26
CA CYS A 299 -0.90 10.43 -16.49
C CYS A 299 -1.03 11.34 -17.69
N VAL A 300 -0.11 11.16 -18.62
CA VAL A 300 0.12 12.12 -19.68
C VAL A 300 0.55 11.36 -20.94
N PRO A 301 0.08 11.81 -22.14
CA PRO A 301 0.53 11.16 -23.36
C PRO A 301 2.05 11.16 -23.46
N CYS A 302 2.57 10.13 -24.12
CA CYS A 302 3.99 9.93 -24.25
C CYS A 302 4.56 10.71 -25.45
N ASN A 303 5.81 10.40 -25.79
CA ASN A 303 6.46 10.92 -27.00
C ASN A 303 6.77 9.79 -27.94
N GLY A 304 8.06 9.45 -28.04
CA GLY A 304 8.51 8.32 -28.84
C GLY A 304 7.71 7.12 -28.41
N PRO A 305 8.22 5.91 -28.69
CA PRO A 305 7.60 4.85 -27.92
C PRO A 305 7.46 5.24 -26.44
N CYS A 306 6.32 4.86 -25.83
CA CYS A 306 6.12 4.95 -24.37
C CYS A 306 7.14 4.07 -23.68
N PRO A 307 7.58 4.48 -22.47
CA PRO A 307 8.59 3.68 -21.77
C PRO A 307 8.06 2.26 -21.58
N LYS A 308 8.83 1.25 -21.97
CA LYS A 308 8.37 -0.11 -21.81
C LYS A 308 8.19 -0.38 -20.32
N THR A 309 6.93 -0.55 -19.92
CA THR A 309 6.57 -0.79 -18.54
C THR A 309 5.92 -2.16 -18.38
N CYS A 310 6.36 -2.92 -17.38
CA CYS A 310 5.89 -4.29 -17.16
C CYS A 310 5.19 -4.49 -15.82
N PRO A 311 4.21 -5.40 -15.76
CA PRO A 311 3.61 -5.74 -14.46
C PRO A 311 4.63 -6.38 -13.57
N GLY A 312 4.55 -6.12 -12.27
CA GLY A 312 5.30 -6.92 -11.31
C GLY A 312 4.82 -8.38 -11.26
N VAL A 313 5.51 -9.21 -10.50
CA VAL A 313 5.08 -10.61 -10.29
C VAL A 313 5.09 -10.82 -8.80
N THR A 314 4.28 -11.75 -8.32
CA THR A 314 4.19 -11.84 -6.87
C THR A 314 5.47 -12.42 -6.24
N VAL A 315 6.15 -13.31 -6.93
CA VAL A 315 7.48 -13.77 -6.48
C VAL A 315 8.33 -14.05 -7.70
N LEU A 316 9.53 -13.48 -7.75
CA LEU A 316 10.39 -13.66 -8.88
C LEU A 316 10.94 -15.09 -8.90
N HIS A 317 11.07 -15.65 -10.11
CA HIS A 317 11.60 -16.99 -10.26
C HIS A 317 11.93 -17.29 -11.72
N ALA A 318 12.63 -18.40 -11.93
CA ALA A 318 13.17 -18.76 -13.24
C ALA A 318 12.13 -18.72 -14.34
N GLY A 319 10.87 -18.90 -13.94
CA GLY A 319 9.80 -19.09 -14.88
C GLY A 319 9.21 -17.79 -15.37
N ASN A 320 9.37 -16.72 -14.60
CA ASN A 320 8.80 -15.42 -14.96
C ASN A 320 9.82 -14.27 -15.12
N ILE A 321 11.09 -14.54 -14.89
CA ILE A 321 12.12 -13.50 -14.98
C ILE A 321 12.29 -12.87 -16.37
N ASP A 322 12.06 -13.64 -17.44
CA ASP A 322 12.26 -13.11 -18.77
C ASP A 322 11.18 -12.14 -19.22
N SER A 323 10.12 -12.02 -18.43
CA SER A 323 9.03 -11.16 -18.81
C SER A 323 9.42 -9.71 -18.54
N PHE A 324 10.51 -9.52 -17.81
CA PHE A 324 11.03 -8.20 -17.53
C PHE A 324 12.10 -7.74 -18.53
N ARG A 325 12.29 -8.52 -19.60
CA ARG A 325 13.21 -8.16 -20.65
C ARG A 325 12.88 -6.77 -21.15
N ASN A 326 13.86 -5.86 -21.07
CA ASN A 326 13.69 -4.47 -21.54
C ASN A 326 12.72 -3.55 -20.79
N CYS A 327 12.23 -3.95 -19.62
CA CYS A 327 11.35 -3.06 -18.86
C CYS A 327 12.08 -1.85 -18.31
N THR A 328 11.48 -0.71 -18.58
CA THR A 328 11.97 0.53 -18.04
C THR A 328 11.28 0.84 -16.73
N VAL A 329 9.96 0.76 -16.71
CA VAL A 329 9.23 0.90 -15.46
C VAL A 329 8.52 -0.40 -15.10
N ILE A 330 8.61 -0.77 -13.83
CA ILE A 330 7.92 -1.94 -13.33
C ILE A 330 6.72 -1.44 -12.55
N ASP A 331 5.53 -1.75 -13.07
CA ASP A 331 4.32 -1.34 -12.39
C ASP A 331 3.89 -2.39 -11.36
N GLY A 332 4.48 -2.32 -10.17
CA GLY A 332 4.19 -3.30 -9.17
C GLY A 332 5.38 -3.42 -8.26
N ASN A 333 5.57 -4.63 -7.72
CA ASN A 333 6.64 -4.86 -6.76
C ASN A 333 7.61 -5.85 -7.33
N ILE A 334 8.76 -5.98 -6.67
CA ILE A 334 9.70 -7.03 -7.00
C ILE A 334 10.07 -7.69 -5.71
N ARG A 335 9.87 -8.99 -5.63
CA ARG A 335 10.26 -9.77 -4.46
C ARG A 335 11.21 -10.85 -4.88
N ILE A 336 12.45 -10.77 -4.41
CA ILE A 336 13.40 -11.83 -4.63
C ILE A 336 13.56 -12.59 -3.33
N LEU A 337 13.13 -13.86 -3.35
CA LEU A 337 13.04 -14.69 -2.15
C LEU A 337 13.99 -15.89 -2.24
N ASP A 338 14.14 -16.62 -1.13
CA ASP A 338 14.93 -17.86 -1.11
C ASP A 338 14.48 -18.79 -2.21
N GLN A 339 13.17 -18.95 -2.34
CA GLN A 339 12.60 -19.88 -3.32
C GLN A 339 12.87 -19.46 -4.76
N THR A 340 13.00 -18.15 -4.99
CA THR A 340 13.51 -17.64 -6.26
C THR A 340 14.77 -18.43 -6.66
N PHE A 341 15.74 -18.52 -5.74
CA PHE A 341 16.99 -19.16 -6.07
C PHE A 341 16.97 -20.68 -5.94
N SER A 342 16.20 -21.23 -5.03
CA SER A 342 16.25 -22.68 -4.80
C SER A 342 15.32 -23.47 -5.73
N GLY A 343 14.45 -22.77 -6.44
CA GLY A 343 13.53 -23.39 -7.39
C GLY A 343 12.13 -23.20 -6.89
N PHE A 344 11.41 -22.25 -7.46
CA PHE A 344 10.14 -21.85 -6.90
C PHE A 344 9.07 -22.86 -7.19
N GLN A 345 8.20 -23.09 -6.19
CA GLN A 345 7.13 -24.09 -6.31
C GLN A 345 5.73 -23.48 -6.18
N ASP A 346 4.93 -23.59 -7.23
CA ASP A 346 3.54 -23.14 -7.14
C ASP A 346 2.68 -24.01 -6.20
N VAL A 347 2.13 -23.39 -5.17
CA VAL A 347 1.09 -24.03 -4.38
C VAL A 347 -0.24 -23.40 -4.73
N TYR A 348 -1.30 -24.18 -4.72
CA TYR A 348 -2.60 -23.63 -5.01
C TYR A 348 -3.40 -23.70 -3.74
N ALA A 349 -4.39 -22.81 -3.63
CA ALA A 349 -5.36 -22.88 -2.53
C ALA A 349 -5.60 -24.33 -2.00
N ASN A 350 -6.20 -25.21 -2.82
CA ASN A 350 -6.47 -26.63 -2.44
C ASN A 350 -5.23 -27.43 -2.03
N TYR A 351 -4.12 -26.70 -1.88
CA TYR A 351 -2.78 -27.25 -1.60
C TYR A 351 -2.41 -28.38 -2.60
N THR A 352 -2.70 -28.15 -3.88
CA THR A 352 -2.26 -29.04 -4.94
C THR A 352 -1.06 -28.34 -5.56
N MET A 353 0.03 -29.08 -5.71
CA MET A 353 1.31 -28.56 -6.21
C MET A 353 1.23 -28.19 -7.67
N GLY A 354 1.65 -26.96 -7.97
CA GLY A 354 1.61 -26.46 -9.32
C GLY A 354 2.92 -26.76 -10.00
N PRO A 355 3.29 -25.96 -11.00
CA PRO A 355 4.57 -26.18 -11.65
C PRO A 355 5.72 -25.85 -10.70
N ARG A 356 6.89 -26.38 -11.01
CA ARG A 356 8.06 -26.04 -10.24
C ARG A 356 9.11 -25.61 -11.26
N TYR A 357 9.77 -24.50 -10.95
CA TYR A 357 10.79 -23.94 -11.84
C TYR A 357 12.19 -24.23 -11.37
N ILE A 358 13.13 -24.17 -12.30
CA ILE A 358 14.50 -24.55 -12.01
C ILE A 358 15.08 -23.53 -11.08
N PRO A 359 16.16 -23.87 -10.35
CA PRO A 359 16.73 -22.81 -9.51
C PRO A 359 17.11 -21.58 -10.35
N LEU A 360 17.11 -20.39 -9.79
CA LEU A 360 17.51 -19.23 -10.62
C LEU A 360 18.97 -18.86 -10.44
N ASP A 361 19.70 -18.86 -11.57
CA ASP A 361 21.07 -18.36 -11.65
C ASP A 361 21.15 -16.82 -11.51
N PRO A 362 21.71 -16.29 -10.41
CA PRO A 362 21.66 -14.84 -10.15
C PRO A 362 22.04 -14.01 -11.37
N GLU A 363 22.86 -14.58 -12.24
CA GLU A 363 23.33 -13.93 -13.45
C GLU A 363 22.09 -13.40 -14.21
N ARG A 364 21.03 -14.21 -14.30
CA ARG A 364 19.83 -13.84 -15.03
C ARG A 364 19.20 -12.55 -14.49
N LEU A 365 19.46 -12.22 -13.23
CA LEU A 365 18.94 -10.98 -12.63
C LEU A 365 19.34 -9.75 -13.44
N GLU A 366 20.35 -9.92 -14.28
CA GLU A 366 20.86 -8.83 -15.09
C GLU A 366 19.73 -8.20 -15.92
N VAL A 367 18.64 -8.94 -16.10
CA VAL A 367 17.48 -8.42 -16.84
C VAL A 367 16.96 -7.08 -16.30
N PHE A 368 17.25 -6.76 -15.04
CA PHE A 368 16.75 -5.53 -14.46
C PHE A 368 17.55 -4.26 -14.82
N SER A 369 18.70 -4.44 -15.47
CA SER A 369 19.59 -3.31 -15.76
C SER A 369 18.92 -2.16 -16.52
N THR A 370 17.80 -2.42 -17.20
CA THR A 370 17.07 -1.33 -17.87
C THR A 370 16.04 -0.67 -16.96
N VAL A 371 15.78 -1.24 -15.79
CA VAL A 371 14.74 -0.72 -14.92
C VAL A 371 15.15 0.62 -14.31
N LYS A 372 14.37 1.66 -14.60
CA LYS A 372 14.58 2.97 -14.00
C LYS A 372 13.62 3.25 -12.83
N GLU A 373 12.38 2.74 -12.90
CA GLU A 373 11.38 2.97 -11.82
C GLU A 373 10.67 1.69 -11.34
N ILE A 374 10.42 1.62 -10.04
CA ILE A 374 9.56 0.60 -9.47
C ILE A 374 8.45 1.33 -8.76
N THR A 375 7.22 1.15 -9.22
CA THR A 375 6.09 1.87 -8.59
C THR A 375 5.73 1.32 -7.20
N GLY A 376 6.03 0.05 -6.98
CA GLY A 376 5.63 -0.59 -5.73
C GLY A 376 6.75 -0.57 -4.74
N TYR A 377 7.12 -1.74 -4.23
CA TYR A 377 8.24 -1.86 -3.34
C TYR A 377 9.25 -2.86 -3.89
N LEU A 378 10.44 -2.85 -3.32
CA LEU A 378 11.45 -3.79 -3.70
C LEU A 378 11.87 -4.52 -2.45
N ASN A 379 11.77 -5.84 -2.54
CA ASN A 379 11.98 -6.71 -1.40
C ASN A 379 13.05 -7.75 -1.80
N ILE A 380 14.13 -7.84 -1.03
CA ILE A 380 15.18 -8.79 -1.31
C ILE A 380 15.45 -9.70 -0.12
N GLU A 381 15.27 -11.00 -0.29
CA GLU A 381 15.50 -11.92 0.84
C GLU A 381 16.34 -13.17 0.52
N GLY A 382 16.65 -13.41 -0.74
CA GLY A 382 17.33 -14.65 -1.07
C GLY A 382 18.80 -14.81 -0.67
N THR A 383 19.27 -16.05 -0.74
CA THR A 383 20.65 -16.38 -0.42
C THR A 383 21.28 -17.20 -1.55
N HIS A 384 22.42 -16.72 -2.05
CA HIS A 384 23.16 -17.49 -3.05
C HIS A 384 24.61 -17.03 -3.06
N PRO A 385 25.56 -17.99 -3.08
CA PRO A 385 27.00 -17.70 -3.21
C PRO A 385 27.31 -16.58 -4.22
N GLN A 386 26.76 -16.67 -5.43
CA GLN A 386 26.98 -15.65 -6.46
C GLN A 386 26.02 -14.47 -6.44
N PHE A 387 25.18 -14.38 -5.41
CA PHE A 387 24.27 -13.24 -5.25
C PHE A 387 24.86 -12.26 -4.23
N ARG A 388 25.75 -11.40 -4.71
CA ARG A 388 26.57 -10.60 -3.79
C ARG A 388 26.28 -9.07 -3.73
N ASN A 389 25.43 -8.56 -4.62
CA ASN A 389 25.08 -7.12 -4.65
C ASN A 389 23.87 -6.81 -5.55
N LEU A 390 23.50 -5.53 -5.67
CA LEU A 390 22.32 -5.16 -6.48
C LEU A 390 22.65 -4.35 -7.69
N SER A 391 23.85 -4.53 -8.21
CA SER A 391 24.27 -3.88 -9.46
C SER A 391 23.33 -4.20 -10.63
N TYR A 392 22.55 -5.27 -10.51
CA TYR A 392 21.45 -5.55 -11.44
C TYR A 392 20.52 -4.35 -11.54
N PHE A 393 20.47 -3.56 -10.47
CA PHE A 393 19.55 -2.44 -10.39
C PHE A 393 20.32 -1.13 -10.45
N ARG A 394 21.51 -1.20 -11.08
CA ARG A 394 22.38 -0.03 -11.21
C ARG A 394 21.76 1.16 -11.94
N ASN A 395 20.63 0.98 -12.60
CA ASN A 395 19.97 2.09 -13.27
C ASN A 395 18.63 2.45 -12.63
N LEU A 396 18.25 1.74 -11.57
CA LEU A 396 17.05 2.10 -10.84
C LEU A 396 17.24 3.48 -10.17
N GLU A 397 16.35 4.42 -10.46
CA GLU A 397 16.53 5.76 -9.89
C GLU A 397 15.46 6.16 -8.88
N THR A 398 14.27 5.58 -9.01
CA THR A 398 13.25 5.77 -7.98
C THR A 398 12.36 4.54 -7.62
N ILE A 399 12.16 4.30 -6.32
CA ILE A 399 11.14 3.37 -5.81
C ILE A 399 9.94 4.19 -5.26
N HIS A 400 8.81 4.14 -5.95
CA HIS A 400 7.70 4.99 -5.60
C HIS A 400 7.03 4.60 -4.28
N GLY A 401 6.99 3.29 -4.00
CA GLY A 401 6.32 2.81 -2.81
C GLY A 401 4.84 3.17 -2.77
N ARG A 402 4.19 3.13 -3.93
CA ARG A 402 2.77 3.42 -4.01
C ARG A 402 2.04 2.23 -3.42
N GLN A 403 2.82 1.20 -3.15
CA GLN A 403 2.38 0.00 -2.47
C GLN A 403 3.51 -0.39 -1.55
N LEU A 404 3.14 -0.73 -0.33
CA LEU A 404 4.09 -1.01 0.70
C LEU A 404 3.92 -2.41 1.25
N MET A 405 4.97 -2.90 1.90
CA MET A 405 4.93 -4.22 2.53
C MET A 405 4.13 -4.27 3.82
N GLU A 406 3.63 -5.45 4.12
CA GLU A 406 2.77 -5.68 5.26
C GLU A 406 3.41 -5.19 6.54
N SER A 407 4.73 -5.24 6.58
CA SER A 407 5.45 -5.01 7.82
C SER A 407 6.33 -3.77 7.75
N MET A 408 6.12 -2.86 8.70
CA MET A 408 6.87 -1.60 8.79
C MET A 408 6.66 -0.58 7.64
N PHE A 409 5.60 -0.74 6.86
CA PHE A 409 5.30 0.13 5.70
C PHE A 409 6.51 0.23 4.77
N ALA A 410 7.16 -0.91 4.52
CA ALA A 410 8.44 -0.88 3.80
C ALA A 410 8.30 -0.75 2.29
N ALA A 411 9.15 0.12 1.73
CA ALA A 411 9.26 0.28 0.31
C ALA A 411 10.52 -0.38 -0.18
N LEU A 412 11.55 -0.38 0.66
CA LEU A 412 12.76 -1.16 0.36
C LEU A 412 13.06 -2.06 1.54
N ALA A 413 12.91 -3.37 1.38
CA ALA A 413 13.25 -4.27 2.50
C ALA A 413 14.21 -5.34 2.08
N ILE A 414 15.32 -5.41 2.79
CA ILE A 414 16.40 -6.35 2.48
C ILE A 414 16.69 -7.11 3.77
N VAL A 415 16.29 -8.38 3.79
CA VAL A 415 16.29 -9.15 5.03
C VAL A 415 16.80 -10.57 4.84
N LYS A 416 17.78 -10.97 5.66
CA LYS A 416 18.34 -12.32 5.60
C LYS A 416 18.77 -12.68 4.18
N SER A 417 19.51 -11.77 3.55
CA SER A 417 20.04 -11.93 2.19
C SER A 417 21.52 -12.17 2.23
N SER A 418 22.09 -12.58 1.11
CA SER A 418 23.52 -12.88 1.04
C SER A 418 24.31 -11.75 0.43
N LEU A 419 23.77 -10.54 0.50
CA LEU A 419 24.38 -9.37 -0.15
C LEU A 419 25.57 -8.85 0.63
N TYR A 420 26.54 -8.30 -0.10
CA TYR A 420 27.76 -7.73 0.47
C TYR A 420 27.74 -6.22 0.32
N SER A 421 27.07 -5.76 -0.72
CA SER A 421 26.96 -4.34 -1.03
C SER A 421 25.72 -4.17 -1.85
N LEU A 422 25.24 -2.92 -1.96
CA LEU A 422 24.04 -2.60 -2.74
C LEU A 422 24.38 -2.33 -4.18
N GLU A 423 25.22 -1.31 -4.42
CA GLU A 423 25.70 -0.92 -5.77
C GLU A 423 24.60 -0.26 -6.58
N MET A 424 23.56 0.24 -5.93
CA MET A 424 22.46 0.87 -6.67
C MET A 424 22.76 2.37 -6.87
N ARG A 425 23.77 2.63 -7.71
CA ARG A 425 24.35 3.96 -7.82
C ARG A 425 23.38 5.05 -8.29
N ASN A 426 22.28 4.67 -8.95
CA ASN A 426 21.36 5.66 -9.51
C ASN A 426 20.13 5.96 -8.68
N LEU A 427 19.89 5.13 -7.67
CA LEU A 427 18.77 5.32 -6.74
C LEU A 427 18.73 6.69 -6.05
N LYS A 428 17.85 7.57 -6.52
CA LYS A 428 17.75 8.94 -5.93
C LYS A 428 16.53 9.19 -5.02
N GLN A 429 15.45 8.48 -5.26
CA GLN A 429 14.24 8.65 -4.48
C GLN A 429 13.61 7.33 -4.05
N ILE A 430 13.27 7.26 -2.77
CA ILE A 430 12.22 6.36 -2.31
C ILE A 430 11.02 7.23 -1.93
N SER A 431 10.04 7.30 -2.83
CA SER A 431 9.03 8.36 -2.76
C SER A 431 8.27 8.26 -1.48
N SER A 432 7.90 7.02 -1.13
CA SER A 432 7.07 6.79 0.02
C SER A 432 7.51 5.55 0.78
N GLY A 433 7.11 5.43 2.04
CA GLY A 433 7.37 4.22 2.82
C GLY A 433 8.79 4.08 3.35
N SER A 434 9.12 2.92 3.93
CA SER A 434 10.35 2.87 4.71
C SER A 434 11.45 1.95 4.16
N VAL A 435 12.63 2.13 4.74
CA VAL A 435 13.79 1.30 4.47
C VAL A 435 13.97 0.32 5.64
N VAL A 436 13.88 -0.97 5.35
CA VAL A 436 14.22 -1.98 6.34
C VAL A 436 15.40 -2.80 5.81
N ILE A 437 16.53 -2.77 6.52
CA ILE A 437 17.66 -3.57 6.07
C ILE A 437 18.25 -4.24 7.29
N GLN A 438 17.81 -5.46 7.55
CA GLN A 438 18.22 -6.18 8.76
C GLN A 438 18.64 -7.61 8.48
N HIS A 439 19.58 -8.09 9.29
CA HIS A 439 19.98 -9.51 9.28
C HIS A 439 20.59 -9.93 7.98
N ASN A 440 21.48 -9.12 7.41
CA ASN A 440 22.23 -9.59 6.26
C ASN A 440 23.69 -9.71 6.73
N ARG A 441 24.13 -10.96 6.93
CA ARG A 441 25.34 -11.21 7.71
C ARG A 441 26.63 -10.67 7.10
N ASP A 442 26.61 -10.42 5.80
CA ASP A 442 27.80 -9.98 5.07
C ASP A 442 27.65 -8.60 4.43
N LEU A 443 26.62 -7.85 4.81
CA LEU A 443 26.31 -6.61 4.14
C LEU A 443 26.92 -5.39 4.82
N CYS A 444 27.69 -4.63 4.06
CA CYS A 444 28.25 -3.37 4.52
C CYS A 444 27.56 -2.17 3.86
N TYR A 445 28.04 -0.96 4.17
CA TYR A 445 27.60 0.28 3.53
C TYR A 445 26.27 0.84 4.08
N VAL A 446 25.27 -0.03 4.13
CA VAL A 446 23.90 0.36 4.47
C VAL A 446 23.79 1.22 5.74
N SER A 447 24.75 1.11 6.65
CA SER A 447 24.68 1.84 7.92
C SER A 447 25.26 3.22 7.86
N ASN A 448 25.97 3.53 6.77
CA ASN A 448 26.56 4.85 6.61
C ASN A 448 25.93 5.61 5.48
N ILE A 449 24.87 5.05 4.91
CA ILE A 449 24.05 5.73 3.92
C ILE A 449 23.06 6.62 4.66
N ARG A 450 23.07 7.92 4.37
CA ARG A 450 22.07 8.83 4.93
C ARG A 450 20.77 8.65 4.16
N TRP A 451 20.00 7.63 4.53
CA TRP A 451 18.71 7.33 3.90
C TRP A 451 17.73 8.50 3.77
N PRO A 452 17.65 9.41 4.78
CA PRO A 452 16.75 10.55 4.59
C PRO A 452 17.03 11.38 3.35
N ALA A 453 18.30 11.44 2.93
CA ALA A 453 18.70 12.05 1.67
C ALA A 453 17.82 11.61 0.51
N ILE A 454 17.65 10.30 0.36
CA ILE A 454 16.85 9.76 -0.76
C ILE A 454 15.35 9.55 -0.43
N GLN A 455 15.01 9.64 0.85
CA GLN A 455 13.61 9.51 1.24
C GLN A 455 12.97 10.85 1.01
N LYS A 456 11.72 10.85 0.56
CA LYS A 456 11.11 12.10 0.15
C LYS A 456 10.55 12.87 1.34
N GLU A 457 9.97 12.14 2.30
CA GLU A 457 9.27 12.73 3.46
C GLU A 457 10.02 12.55 4.79
N PRO A 458 9.83 13.48 5.74
CA PRO A 458 10.51 13.25 7.04
C PRO A 458 9.86 12.13 7.86
N GLU A 459 8.54 12.00 7.74
CA GLU A 459 7.80 10.94 8.40
C GLU A 459 8.21 9.49 7.99
N GLN A 460 8.89 9.36 6.85
CA GLN A 460 9.40 8.07 6.43
C GLN A 460 10.48 7.57 7.38
N LYS A 461 10.58 6.26 7.54
CA LYS A 461 11.41 5.69 8.59
C LYS A 461 12.53 4.77 8.13
N VAL A 462 13.53 4.63 9.01
CA VAL A 462 14.69 3.82 8.69
C VAL A 462 14.93 2.71 9.75
N TRP A 463 14.86 1.46 9.34
CA TRP A 463 15.26 0.38 10.26
C TRP A 463 16.41 -0.44 9.62
N VAL A 464 17.63 -0.06 10.01
CA VAL A 464 18.85 -0.64 9.47
C VAL A 464 19.77 -1.12 10.59
N ASN A 465 19.81 -2.42 10.82
CA ASN A 465 20.68 -2.98 11.87
C ASN A 465 20.90 -4.47 11.66
N GLU A 466 21.75 -5.05 12.50
CA GLU A 466 22.08 -6.48 12.48
C GLU A 466 22.43 -6.93 11.07
N ASN A 467 23.33 -6.19 10.45
CA ASN A 467 23.92 -6.62 9.20
C ASN A 467 25.36 -7.02 9.49
N LEU A 468 26.38 -6.46 8.85
CA LEU A 468 27.73 -6.77 9.29
C LEU A 468 28.17 -5.67 10.22
N ARG A 469 28.76 -6.05 11.36
CA ARG A 469 29.21 -5.06 12.34
C ARG A 469 30.14 -4.01 11.72
N ALA A 470 29.81 -2.73 11.93
CA ALA A 470 30.67 -1.61 11.52
C ALA A 470 32.18 -1.89 11.55
N ASP A 471 32.72 -2.33 12.69
CA ASP A 471 34.16 -2.53 12.77
C ASP A 471 34.70 -3.60 11.80
N LEU A 472 33.91 -4.64 11.55
CA LEU A 472 34.33 -5.76 10.70
C LEU A 472 34.30 -5.44 9.21
N CYS A 473 33.57 -4.39 8.81
CA CYS A 473 33.64 -3.90 7.43
C CYS A 473 34.91 -3.10 7.25
N GLU A 474 35.20 -2.28 8.26
CA GLU A 474 36.33 -1.36 8.21
C GLU A 474 37.65 -2.10 8.12
N LYS A 475 37.72 -3.28 8.73
CA LYS A 475 38.95 -4.07 8.70
C LYS A 475 39.18 -4.79 7.36
N ASN A 476 38.20 -4.74 6.47
CA ASN A 476 38.34 -5.34 5.14
C ASN A 476 38.48 -4.25 4.08
N GLY A 477 38.48 -3.00 4.53
CA GLY A 477 38.47 -1.85 3.62
C GLY A 477 37.14 -1.67 2.92
N THR A 478 36.16 -2.51 3.24
CA THR A 478 34.85 -2.43 2.61
C THR A 478 34.07 -1.23 3.19
N ILE A 479 34.67 -0.06 3.03
CA ILE A 479 34.09 1.21 3.44
C ILE A 479 33.92 2.13 2.24
N CYS A 480 33.52 3.37 2.48
CA CYS A 480 33.37 4.32 1.40
C CYS A 480 34.72 4.83 0.93
N SER A 481 34.81 5.10 -0.37
CA SER A 481 35.86 5.92 -0.94
C SER A 481 35.91 7.25 -0.19
N ASP A 482 37.13 7.75 0.08
CA ASP A 482 37.27 9.04 0.81
C ASP A 482 36.85 10.27 -0.03
N GLN A 483 36.28 9.99 -1.20
CA GLN A 483 35.75 11.00 -2.09
C GLN A 483 34.23 11.20 -1.98
N CYS A 484 33.55 10.34 -1.22
CA CYS A 484 32.15 10.57 -0.90
C CYS A 484 32.03 11.59 0.22
N ASN A 485 30.95 12.37 0.19
CA ASN A 485 30.64 13.20 1.34
C ASN A 485 30.01 12.32 2.44
N GLU A 486 29.48 12.91 3.51
CA GLU A 486 29.04 12.12 4.67
C GLU A 486 27.72 11.37 4.45
N ASP A 487 27.09 11.56 3.29
CA ASP A 487 25.89 10.83 2.92
C ASP A 487 26.10 9.34 2.71
N GLY A 488 27.36 8.91 2.58
CA GLY A 488 27.71 7.51 2.40
C GLY A 488 27.68 7.02 0.96
N CYS A 489 27.71 5.70 0.77
CA CYS A 489 27.82 5.12 -0.56
C CYS A 489 27.12 3.77 -0.67
N TRP A 490 26.87 3.32 -1.89
CA TRP A 490 26.23 2.04 -2.17
C TRP A 490 27.25 0.92 -2.25
N GLY A 491 28.52 1.31 -2.17
CA GLY A 491 29.65 0.38 -2.30
C GLY A 491 30.95 1.12 -2.52
N ALA A 492 32.06 0.40 -2.56
CA ALA A 492 33.37 1.02 -2.48
C ALA A 492 33.78 1.80 -3.72
N GLY A 493 33.05 1.62 -4.81
CA GLY A 493 33.36 2.34 -6.05
C GLY A 493 33.40 3.86 -5.91
N THR A 494 34.12 4.50 -6.82
CA THR A 494 34.15 5.95 -6.91
C THR A 494 32.89 6.48 -7.59
N ASP A 495 32.10 5.57 -8.17
CA ASP A 495 30.87 5.92 -8.85
C ASP A 495 29.74 5.43 -7.98
N GLN A 496 30.03 5.23 -6.71
CA GLN A 496 29.06 4.66 -5.80
C GLN A 496 28.59 5.63 -4.71
N CYS A 497 29.06 6.86 -4.73
CA CYS A 497 28.65 7.85 -3.71
C CYS A 497 27.23 8.36 -3.92
N LEU A 498 26.55 8.65 -2.82
CA LEU A 498 25.27 9.35 -2.90
C LEU A 498 25.56 10.75 -3.44
N ASN A 499 26.34 11.53 -2.70
CA ASN A 499 26.75 12.86 -3.16
C ASN A 499 28.26 13.03 -3.09
N CYS A 500 28.79 13.88 -3.97
CA CYS A 500 30.24 14.03 -4.01
C CYS A 500 30.87 15.15 -3.21
N LYS A 501 31.95 14.79 -2.51
CA LYS A 501 32.70 15.70 -1.63
C LYS A 501 33.40 16.81 -2.41
N ASN A 502 34.41 16.43 -3.18
CA ASN A 502 35.16 17.36 -3.99
C ASN A 502 34.49 17.52 -5.36
N PHE A 503 35.03 16.87 -6.37
CA PHE A 503 34.56 17.04 -7.75
C PHE A 503 33.91 15.79 -8.35
N ASN A 504 32.79 16.00 -9.04
CA ASN A 504 32.14 14.93 -9.79
C ASN A 504 32.30 15.12 -11.29
N PHE A 505 32.72 14.05 -11.95
CA PHE A 505 32.98 14.08 -13.37
C PHE A 505 32.49 12.76 -13.97
N ASN A 506 31.82 12.83 -15.11
CA ASN A 506 31.34 11.66 -15.88
C ASN A 506 30.28 10.84 -15.14
N GLY A 507 30.29 10.93 -13.81
CA GLY A 507 29.50 10.07 -12.93
C GLY A 507 30.40 9.36 -11.94
N THR A 508 31.66 9.76 -11.93
CA THR A 508 32.65 9.24 -10.99
C THR A 508 33.14 10.42 -10.15
N CYS A 509 34.03 10.18 -9.18
CA CYS A 509 34.38 11.24 -8.20
C CYS A 509 35.85 11.43 -7.79
N ILE A 510 36.32 12.64 -8.06
CA ILE A 510 37.74 12.97 -8.03
C ILE A 510 38.06 14.08 -7.03
N ALA A 511 39.32 14.10 -6.56
CA ALA A 511 39.83 15.15 -5.67
C ALA A 511 40.04 16.49 -6.39
N ASP A 512 40.63 16.45 -7.59
CA ASP A 512 41.14 17.66 -8.23
C ASP A 512 40.28 18.28 -9.33
N CYS A 513 39.86 17.45 -10.30
CA CYS A 513 39.36 17.91 -11.61
C CYS A 513 40.55 18.05 -12.57
N GLY A 514 41.74 18.29 -11.99
CA GLY A 514 42.98 18.35 -12.76
C GLY A 514 43.58 16.98 -12.94
N TYR A 515 43.12 16.01 -12.14
CA TYR A 515 43.66 14.63 -12.13
C TYR A 515 43.60 13.88 -13.48
N ILE A 516 43.10 14.54 -14.52
CA ILE A 516 42.94 13.89 -15.81
C ILE A 516 43.33 14.81 -16.99
N SER A 517 43.51 14.21 -18.17
CA SER A 517 43.83 14.92 -19.40
C SER A 517 42.91 16.12 -19.61
N ASN A 518 41.63 15.85 -19.83
CA ASN A 518 40.63 16.91 -19.99
C ASN A 518 40.20 17.38 -18.61
N ALA A 519 40.15 18.70 -18.41
CA ALA A 519 39.98 19.26 -17.08
C ALA A 519 39.23 20.61 -17.03
N TYR A 520 38.25 20.77 -17.91
CA TYR A 520 37.47 22.00 -17.97
C TYR A 520 36.47 22.07 -16.81
N LYS A 521 36.56 23.11 -15.97
CA LYS A 521 35.68 23.23 -14.79
C LYS A 521 34.42 24.06 -15.09
N PHE A 522 33.25 23.52 -14.76
CA PHE A 522 31.96 24.18 -15.08
C PHE A 522 31.33 24.98 -13.92
N ASP A 523 31.82 24.74 -12.69
CA ASP A 523 31.34 25.43 -11.47
C ASP A 523 32.18 25.02 -10.25
N ASN A 524 31.65 25.30 -9.06
CA ASN A 524 32.31 24.93 -7.79
C ASN A 524 32.74 23.46 -7.76
N ARG A 525 31.82 22.58 -8.18
CA ARG A 525 32.06 21.14 -8.21
C ARG A 525 31.47 20.53 -9.48
N THR A 526 32.33 20.26 -10.46
CA THR A 526 31.95 19.67 -11.75
C THR A 526 33.13 19.77 -12.71
N CYS A 527 33.22 18.87 -13.67
CA CYS A 527 34.20 19.02 -14.73
C CYS A 527 33.52 18.97 -16.10
N LYS A 528 33.89 18.00 -16.92
CA LYS A 528 33.38 17.83 -18.28
C LYS A 528 34.59 17.54 -19.14
N ILE A 529 34.38 16.87 -20.27
CA ILE A 529 35.47 16.57 -21.19
C ILE A 529 35.86 17.79 -22.04
N CYS A 530 37.15 17.85 -22.39
CA CYS A 530 37.72 18.98 -23.10
C CYS A 530 37.43 19.00 -24.59
N HIS A 531 36.15 18.91 -24.96
CA HIS A 531 35.80 18.86 -26.38
C HIS A 531 36.46 17.64 -27.04
N PRO A 532 35.97 17.21 -28.22
CA PRO A 532 36.77 16.26 -28.98
C PRO A 532 38.26 16.65 -29.13
N GLU A 533 38.53 17.93 -29.38
CA GLU A 533 39.87 18.41 -29.71
C GLU A 533 40.54 19.27 -28.64
N CYS A 534 41.39 18.65 -27.82
CA CYS A 534 42.20 19.40 -26.85
C CYS A 534 43.26 18.61 -26.08
N ARG A 535 42.98 17.34 -25.75
CA ARG A 535 43.82 16.53 -24.85
C ARG A 535 44.19 17.20 -23.50
N THR A 536 44.03 18.53 -23.44
CA THR A 536 44.22 19.34 -22.21
C THR A 536 43.75 20.77 -22.49
N CYS A 537 42.80 21.27 -21.69
CA CYS A 537 42.22 22.62 -21.89
C CYS A 537 41.70 23.29 -20.61
N ASN A 538 40.81 24.27 -20.77
CA ASN A 538 40.08 24.89 -19.65
C ASN A 538 38.83 25.69 -20.08
N GLY A 539 38.13 25.25 -21.12
CA GLY A 539 36.94 25.95 -21.63
C GLY A 539 35.78 25.05 -22.00
N ASP A 543 37.46 26.30 -28.39
CA ASP A 543 38.21 27.51 -28.13
C ASP A 543 39.37 27.25 -27.16
N HIS A 544 40.52 26.88 -27.74
CA HIS A 544 41.86 26.92 -27.11
C HIS A 544 42.14 25.97 -25.94
N CYS A 545 43.43 25.64 -25.78
CA CYS A 545 43.94 24.66 -24.82
C CYS A 545 45.43 24.34 -25.03
N GLN A 546 45.89 23.20 -24.51
CA GLN A 546 47.30 22.74 -24.62
C GLN A 546 47.56 21.71 -25.75
N GLU A 547 47.72 20.43 -25.40
CA GLU A 547 48.12 19.37 -26.36
C GLU A 547 47.07 18.93 -27.41
N CYS A 548 47.00 19.68 -28.52
CA CYS A 548 45.91 19.60 -29.50
C CYS A 548 45.73 18.26 -30.27
N VAL A 549 44.73 18.21 -31.15
CA VAL A 549 44.47 17.02 -32.00
C VAL A 549 44.37 17.37 -33.50
N HIS A 550 43.30 16.91 -34.16
CA HIS A 550 43.16 17.06 -35.62
C HIS A 550 42.13 18.10 -36.11
N VAL A 551 41.46 17.79 -37.23
CA VAL A 551 40.52 18.68 -37.93
C VAL A 551 39.66 19.54 -37.00
C1 NDG B . -3.10 9.72 16.22
C2 NDG B . -1.65 9.59 16.69
C3 NDG B . -1.39 10.04 18.12
C4 NDG B . -2.41 11.07 18.60
C5 NDG B . -3.83 10.57 18.38
C6 NDG B . -4.90 11.49 18.99
C7 NDG B . -0.33 7.90 15.55
C8 NDG B . 0.11 6.47 15.42
O5 NDG B . -4.04 10.49 16.99
O3 NDG B . -0.10 10.58 18.14
O4 NDG B . -2.17 11.32 19.97
O6 NDG B . -4.96 12.73 18.31
O7 NDG B . 0.10 8.74 14.77
N2 NDG B . -1.19 8.21 16.52
C1 NAG B . -1.57 12.60 20.20
C2 NAG B . -1.29 12.73 21.70
C3 NAG B . -0.59 14.06 22.01
C4 NAG B . 0.59 14.29 21.05
C5 NAG B . 0.17 14.13 19.59
C6 NAG B . 1.34 14.31 18.62
C7 NAG B . -2.83 11.49 23.18
C8 NAG B . -4.22 11.45 23.79
N2 NAG B . -2.57 12.54 22.39
O3 NAG B . -0.09 14.09 23.34
O4 NAG B . 1.19 15.55 21.27
O5 NAG B . -0.39 12.84 19.42
O6 NAG B . 2.41 13.49 19.03
O7 NAG B . -2.02 10.59 23.42
C1 NAG C . 15.06 -6.66 -25.91
C2 NAG C . 14.28 -7.36 -27.03
C3 NAG C . 15.23 -7.89 -28.13
C4 NAG C . 16.18 -6.75 -28.59
C5 NAG C . 16.88 -6.19 -27.35
C6 NAG C . 17.96 -5.14 -27.63
C7 NAG C . 12.13 -8.00 -26.03
C8 NAG C . 11.24 -9.11 -25.54
N2 NAG C . 13.34 -8.36 -26.52
O3 NAG C . 14.50 -8.41 -29.23
O4 NAG C . 17.14 -7.17 -29.57
O5 NAG C . 15.90 -5.65 -26.46
O6 NAG C . 17.45 -4.13 -28.48
O7 NAG C . 11.75 -6.83 -25.94
C1 NAG C . 16.76 -6.92 -30.97
C2 NAG C . 18.04 -6.78 -31.84
C3 NAG C . 17.75 -6.79 -33.35
C4 NAG C . 16.68 -7.81 -33.77
C5 NAG C . 15.45 -7.76 -32.85
C6 NAG C . 14.35 -8.76 -33.25
C7 NAG C . 19.79 -5.50 -30.59
C8 NAG C . 20.42 -4.16 -30.41
N2 NAG C . 18.79 -5.57 -31.51
O3 NAG C . 18.95 -7.03 -34.08
O4 NAG C . 16.33 -7.57 -35.13
O5 NAG C . 15.87 -7.93 -31.48
O6 NAG C . 14.09 -9.79 -32.31
O7 NAG C . 20.17 -6.49 -29.92
C1 NAG D . -6.68 -27.26 -7.10
C2 NAG D . -7.44 -28.10 -8.15
C3 NAG D . -7.07 -27.60 -9.54
C4 NAG D . -7.36 -26.09 -9.71
C5 NAG D . -6.64 -25.27 -8.61
C6 NAG D . -7.12 -23.80 -8.59
C7 NAG D . -7.84 -30.46 -7.32
C8 NAG D . -7.17 -31.79 -7.09
N2 NAG D . -7.07 -29.49 -7.87
O3 NAG D . -7.72 -28.35 -10.53
O4 NAG D . -6.90 -25.69 -10.98
O5 NAG D . -6.70 -25.84 -7.30
O6 NAG D . -7.39 -23.33 -7.27
O7 NAG D . -9.03 -30.35 -7.03
C1 NAG D . -7.91 -25.01 -11.75
C2 NAG D . -7.31 -24.13 -12.87
C3 NAG D . -8.41 -23.46 -13.72
C4 NAG D . -9.66 -24.34 -13.91
C5 NAG D . -9.99 -25.06 -12.60
C6 NAG D . -11.29 -25.86 -12.58
C7 NAG D . -5.19 -23.16 -12.06
C8 NAG D . -4.52 -21.94 -11.49
N2 NAG D . -6.49 -23.05 -12.33
O3 NAG D . -7.85 -23.03 -14.95
O4 NAG D . -10.77 -23.56 -14.35
O5 NAG D . -8.89 -25.88 -12.25
O6 NAG D . -11.67 -25.96 -11.21
O7 NAG D . -4.57 -24.22 -12.26
C1 BMA D . -10.97 -23.79 -15.76
C2 BMA D . -12.44 -24.13 -16.08
C3 BMA D . -12.71 -24.17 -17.59
C4 BMA D . -12.01 -23.01 -18.34
C5 BMA D . -10.53 -22.85 -17.90
C6 BMA D . -9.76 -21.71 -18.58
O2 BMA D . -13.31 -23.19 -15.50
O3 BMA D . -14.11 -24.19 -17.80
O4 BMA D . -12.09 -23.25 -19.73
O5 BMA D . -10.47 -22.68 -16.50
O6 BMA D . -9.88 -20.51 -17.83
C1 NAG E . 28.51 -7.03 -8.16
C2 NAG E . 29.97 -7.41 -7.94
C3 NAG E . 30.63 -7.90 -9.22
C4 NAG E . 29.75 -8.88 -9.99
C5 NAG E . 28.28 -8.45 -9.99
C6 NAG E . 27.34 -9.50 -10.59
C7 NAG E . 31.40 -6.76 -6.15
C8 NAG E . 32.23 -5.75 -5.40
N2 NAG E . 30.75 -6.38 -7.28
O3 NAG E . 31.77 -8.64 -8.85
O4 NAG E . 30.31 -9.02 -11.30
O5 NAG E . 27.87 -8.17 -8.66
O6 NAG E . 27.42 -10.71 -9.85
O7 NAG E . 31.30 -7.92 -5.73
C1 NAG E . 30.61 -10.42 -11.49
C2 NAG E . 30.78 -10.67 -12.97
C3 NAG E . 31.06 -12.14 -13.22
C4 NAG E . 32.13 -12.73 -12.28
C5 NAG E . 31.79 -12.32 -10.84
C6 NAG E . 32.70 -12.88 -9.76
C7 NAG E . 29.40 -9.12 -14.30
C8 NAG E . 28.08 -8.90 -14.99
N2 NAG E . 29.56 -10.30 -13.67
O3 NAG E . 31.43 -12.26 -14.57
O4 NAG E . 32.21 -14.15 -12.41
O5 NAG E . 31.74 -10.90 -10.77
O6 NAG E . 34.00 -12.37 -9.93
O7 NAG E . 30.29 -8.23 -14.33
C1 BMA E . 33.12 -14.58 -13.47
C2 BMA E . 33.65 -16.00 -13.22
C3 BMA E . 34.65 -16.38 -14.33
C4 BMA E . 33.96 -16.21 -15.70
C5 BMA E . 33.60 -14.72 -15.83
C6 BMA E . 33.17 -14.27 -17.24
O2 BMA E . 32.56 -16.92 -13.15
O3 BMA E . 35.26 -17.65 -14.10
O4 BMA E . 34.74 -16.67 -16.81
O5 BMA E . 32.63 -14.44 -14.82
O6 BMA E . 31.89 -13.64 -17.22
C1 NDG F . 35.31 -9.61 6.19
C2 NDG F . 34.70 -9.43 7.56
C3 NDG F . 34.04 -10.73 8.01
C4 NDG F . 33.00 -11.16 6.99
C5 NDG F . 33.48 -11.02 5.54
C6 NDG F . 32.26 -11.03 4.60
C7 NDG F . 36.80 -9.36 8.93
C8 NDG F . 37.54 -8.60 9.98
O5 NDG F . 34.27 -9.87 5.28
O3 NDG F . 33.42 -10.52 9.27
O4 NDG F . 32.77 -12.54 7.13
O6 NDG F . 31.58 -9.77 4.55
O7 NDG F . 37.32 -10.37 8.43
N2 NDG F . 35.61 -8.87 8.58
C1 NDG F . 32.04 -12.99 8.28
C2 NDG F . 31.16 -14.16 7.87
C3 NDG F . 29.78 -14.15 8.48
C4 NDG F . 29.92 -13.78 9.96
C5 NDG F . 30.52 -12.37 10.06
C6 NDG F . 31.38 -12.23 11.30
C7 NDG F . 31.66 -15.25 5.82
C8 NDG F . 31.56 -15.31 4.32
O5 NDG F . 31.26 -12.00 8.90
O3 NDG F . 29.23 -15.44 8.33
O4 NDG F . 28.67 -13.74 10.60
O6 NDG F . 30.55 -12.34 12.41
O7 NDG F . 32.28 -16.09 6.46
N2 NDG F . 31.06 -14.23 6.43
C1 BMA F . 28.41 -14.89 11.42
C2 BMA F . 27.26 -14.56 12.39
C3 BMA F . 26.72 -15.78 13.12
C4 BMA F . 26.38 -16.88 12.08
C5 BMA F . 27.58 -17.15 11.15
C6 BMA F . 27.35 -18.12 9.98
O2 BMA F . 26.21 -13.99 11.63
O3 BMA F . 25.64 -15.43 14.00
O4 BMA F . 26.06 -18.08 12.73
O5 BMA F . 28.04 -15.94 10.55
O6 BMA F . 25.99 -18.46 9.81
#